data_3FSC
#
_entry.id   3FSC
#
_cell.length_a   67.100
_cell.length_b   67.100
_cell.length_c   112.000
_cell.angle_alpha   90.00
_cell.angle_beta   90.00
_cell.angle_gamma   120.00
#
_symmetry.space_group_name_H-M   'P 3'
#
loop_
_entity.id
_entity.type
_entity.pdbx_description
1 polymer QdtC
2 non-polymer 'COENZYME A'
3 non-polymer '(3R,4S,5R,6R)-4-amino-3,5-dihydroxy-6-methyloxan-2-yl][hydroxy-[[(2R,3S,5R)-3-hydroxy-5-(5-methyl-2,4-dioxopyrimidin-1-yl)oxolan-2-yl]methoxy]phosphoryl] hydrogen phosphate'
4 water water
#
_entity_poly.entity_id   1
_entity_poly.type   'polypeptide(L)'
_entity_poly.pdbx_seq_one_letter_code
;MPNNISKSAIIKEGVIIGENVTIEDNVYIDYGCIIRDNVHIKKGSFIGARSILGEYLVDFYNDRINKKHPLIIGENALIR
TENVIYGDTIIGDNFQTGHKVTIRENTKIGNNVKIGTLSDIQHHVYIGNYVNIHSNVFVGEKSIIKDFVWLFPHVVLTND
PTPPSNELLGVTIELFAVIAARSVVLPGIHINEDALVGAGAVVTKDVPKETVVVGNPAREICSIRKIKNKITGEQVYPWR
YTFKRGMPWEETDYDTWIKNISIENLEHHHHHH
;
_entity_poly.pdbx_strand_id   A,B
#
loop_
_chem_comp.id
_chem_comp.type
_chem_comp.name
_chem_comp.formula
COA non-polymer 'COENZYME A' 'C21 H36 N7 O16 P3 S'
T3F non-polymer '(3R,4S,5R,6R)-4-amino-3,5-dihydroxy-6-methyloxan-2-yl][hydroxy-[[(2R,3S,5R)-3-hydroxy-5-(5-methyl-2,4-dioxopyrimidin-1-yl)oxolan-2-yl]methoxy]phosphoryl] hydrogen phosphate' 'C16 H27 N3 O14 P2'
#
# COMPACT_ATOMS: atom_id res chain seq x y z
N ASN A 3 -41.73 -17.33 -32.80
CA ASN A 3 -41.61 -17.04 -31.36
C ASN A 3 -41.90 -18.19 -30.41
N ASN A 4 -41.52 -17.96 -29.16
CA ASN A 4 -41.67 -18.92 -28.07
C ASN A 4 -41.96 -18.19 -26.78
N ILE A 5 -43.23 -18.02 -26.48
CA ILE A 5 -43.59 -17.33 -25.26
C ILE A 5 -44.35 -18.21 -24.28
N SER A 6 -43.84 -18.24 -23.06
CA SER A 6 -44.45 -19.03 -21.99
C SER A 6 -45.88 -18.68 -21.64
N LYS A 7 -46.68 -19.67 -21.25
CA LYS A 7 -48.08 -19.44 -20.88
C LYS A 7 -48.13 -18.67 -19.54
N SER A 8 -47.07 -18.79 -18.73
CA SER A 8 -46.95 -18.10 -17.43
C SER A 8 -46.43 -16.66 -17.60
N ALA A 9 -45.92 -16.34 -18.78
CA ALA A 9 -45.50 -14.96 -18.97
C ALA A 9 -46.72 -14.05 -18.89
N ILE A 10 -46.58 -12.85 -18.31
CA ILE A 10 -47.68 -11.88 -18.25
C ILE A 10 -47.22 -10.78 -19.21
N ILE A 11 -48.02 -10.49 -20.23
CA ILE A 11 -47.67 -9.51 -21.24
C ILE A 11 -48.78 -8.47 -21.22
N LYS A 12 -48.48 -7.31 -20.65
CA LYS A 12 -49.49 -6.26 -20.56
C LYS A 12 -49.93 -5.64 -21.87
N GLU A 13 -50.94 -4.79 -21.83
CA GLU A 13 -51.25 -4.26 -23.14
C GLU A 13 -50.28 -3.20 -23.66
N GLY A 14 -50.40 -3.02 -24.96
CA GLY A 14 -49.59 -2.04 -25.68
C GLY A 14 -48.29 -2.75 -26.03
N VAL A 15 -48.03 -3.90 -25.43
CA VAL A 15 -46.78 -4.54 -25.80
C VAL A 15 -46.71 -4.90 -27.29
N ILE A 16 -45.57 -4.67 -27.94
CA ILE A 16 -45.36 -4.96 -29.36
C ILE A 16 -44.23 -5.98 -29.40
N ILE A 17 -44.47 -7.13 -30.02
CA ILE A 17 -43.47 -8.19 -30.14
C ILE A 17 -43.04 -8.51 -31.55
N GLY A 18 -41.73 -8.67 -31.79
CA GLY A 18 -41.26 -8.93 -33.14
C GLY A 18 -41.15 -10.42 -33.43
N GLU A 19 -40.15 -10.79 -34.23
CA GLU A 19 -39.95 -12.20 -34.53
C GLU A 19 -38.71 -12.75 -33.89
N ASN A 20 -38.72 -14.08 -33.72
CA ASN A 20 -37.57 -14.72 -33.11
C ASN A 20 -37.36 -14.15 -31.71
N VAL A 21 -38.48 -14.10 -31.00
CA VAL A 21 -38.52 -13.63 -29.64
C VAL A 21 -38.85 -14.82 -28.76
N THR A 22 -38.07 -14.94 -27.67
CA THR A 22 -38.31 -16.01 -26.69
C THR A 22 -38.46 -15.43 -25.30
N ILE A 23 -39.63 -15.66 -24.72
CA ILE A 23 -39.93 -15.16 -23.41
C ILE A 23 -40.28 -16.34 -22.55
N GLU A 24 -39.39 -16.53 -21.59
CA GLU A 24 -39.55 -17.62 -20.67
C GLU A 24 -40.65 -17.46 -19.62
N ASP A 25 -40.67 -18.50 -18.82
CA ASP A 25 -41.60 -18.61 -17.73
C ASP A 25 -41.55 -17.49 -16.72
N ASN A 26 -42.75 -17.03 -16.38
CA ASN A 26 -42.97 -16.01 -15.36
C ASN A 26 -42.23 -14.72 -15.61
N VAL A 27 -42.20 -14.32 -16.86
CA VAL A 27 -41.55 -13.08 -17.20
C VAL A 27 -42.77 -12.17 -17.18
N TYR A 28 -42.55 -10.91 -16.85
CA TYR A 28 -43.68 -10.00 -16.85
C TYR A 28 -43.20 -8.84 -17.68
N ILE A 29 -43.94 -8.51 -18.73
CA ILE A 29 -43.63 -7.39 -19.61
C ILE A 29 -44.71 -6.37 -19.47
N ASP A 30 -44.32 -5.29 -18.80
CA ASP A 30 -45.21 -4.17 -18.51
C ASP A 30 -45.73 -3.37 -19.69
N TYR A 31 -46.75 -2.56 -19.42
CA TYR A 31 -47.30 -1.76 -20.51
C TYR A 31 -46.40 -1.14 -21.56
N GLY A 32 -46.79 -1.35 -22.80
CA GLY A 32 -46.12 -0.73 -23.91
C GLY A 32 -44.71 -1.05 -24.28
N CYS A 33 -44.15 -2.13 -23.76
CA CYS A 33 -42.79 -2.34 -24.22
C CYS A 33 -42.76 -2.74 -25.67
N ILE A 34 -41.64 -2.46 -26.30
CA ILE A 34 -41.46 -2.88 -27.67
C ILE A 34 -40.33 -3.89 -27.60
N ILE A 35 -40.69 -5.09 -28.05
CA ILE A 35 -39.73 -6.18 -28.08
C ILE A 35 -39.47 -6.37 -29.55
N ARG A 36 -38.31 -5.91 -30.01
CA ARG A 36 -37.94 -6.04 -31.41
C ARG A 36 -37.43 -7.48 -31.61
N ASP A 37 -37.12 -7.81 -32.86
CA ASP A 37 -36.65 -9.16 -33.19
C ASP A 37 -35.42 -9.62 -32.48
N ASN A 38 -35.31 -10.94 -32.39
CA ASN A 38 -34.16 -11.60 -31.79
C ASN A 38 -33.85 -11.22 -30.37
N VAL A 39 -34.85 -11.35 -29.53
CA VAL A 39 -34.61 -11.03 -28.14
C VAL A 39 -35.09 -12.24 -27.34
N HIS A 40 -34.24 -12.64 -26.41
CA HIS A 40 -34.50 -13.75 -25.49
C HIS A 40 -34.50 -13.28 -24.00
N ILE A 41 -35.66 -13.33 -23.37
CA ILE A 41 -35.71 -12.91 -21.99
C ILE A 41 -35.92 -14.14 -21.10
N LYS A 42 -34.92 -14.41 -20.27
CA LYS A 42 -34.95 -15.55 -19.36
C LYS A 42 -35.95 -15.52 -18.20
N LYS A 43 -36.23 -16.70 -17.66
CA LYS A 43 -37.24 -16.78 -16.64
C LYS A 43 -37.27 -15.87 -15.43
N GLY A 44 -38.49 -15.52 -15.07
CA GLY A 44 -38.68 -14.73 -13.87
C GLY A 44 -38.45 -13.23 -14.05
N SER A 45 -37.96 -12.80 -15.21
CA SER A 45 -37.69 -11.38 -15.42
C SER A 45 -38.88 -10.46 -15.48
N PHE A 46 -38.63 -9.23 -15.05
CA PHE A 46 -39.63 -8.16 -15.08
C PHE A 46 -39.09 -7.13 -16.09
N ILE A 47 -39.90 -6.76 -17.07
CA ILE A 47 -39.40 -5.75 -18.03
C ILE A 47 -40.29 -4.53 -17.90
N GLY A 48 -39.73 -3.40 -17.46
CA GLY A 48 -40.53 -2.20 -17.26
C GLY A 48 -41.16 -1.49 -18.47
N ALA A 49 -42.27 -0.86 -18.11
CA ALA A 49 -43.13 -0.14 -19.02
C ALA A 49 -42.39 0.61 -20.09
N ARG A 50 -42.81 0.42 -21.35
CA ARG A 50 -42.19 1.18 -22.42
C ARG A 50 -40.74 1.03 -22.73
N SER A 51 -40.15 -0.01 -22.19
CA SER A 51 -38.75 -0.27 -22.53
C SER A 51 -38.81 -0.77 -23.98
N ILE A 52 -37.65 -0.76 -24.64
CA ILE A 52 -37.54 -1.19 -26.02
C ILE A 52 -36.34 -2.10 -26.00
N LEU A 53 -36.62 -3.38 -26.24
CA LEU A 53 -35.56 -4.35 -26.21
C LEU A 53 -35.26 -4.84 -27.63
N GLY A 54 -33.97 -5.03 -27.89
CA GLY A 54 -33.40 -5.47 -29.17
C GLY A 54 -33.40 -4.26 -30.08
N GLU A 55 -33.07 -3.08 -29.56
CA GLU A 55 -33.07 -1.84 -30.34
C GLU A 55 -32.14 -1.91 -31.54
N TYR A 56 -32.57 -1.31 -32.66
CA TYR A 56 -31.78 -1.32 -33.89
C TYR A 56 -30.31 -0.82 -33.91
N LEU A 57 -29.43 -1.67 -34.43
CA LEU A 57 -28.03 -1.33 -34.63
C LEU A 57 -28.09 -0.47 -35.89
N VAL A 58 -26.96 0.18 -36.15
CA VAL A 58 -26.78 1.10 -37.24
C VAL A 58 -27.10 0.55 -38.60
N ASP A 59 -26.71 -0.70 -38.81
CA ASP A 59 -27.00 -1.33 -40.09
C ASP A 59 -28.47 -1.39 -40.49
N PHE A 60 -29.39 -1.26 -39.54
CA PHE A 60 -30.79 -1.37 -39.90
C PHE A 60 -31.14 -0.22 -40.80
N TYR A 61 -30.60 0.93 -40.42
CA TYR A 61 -30.90 2.17 -41.16
C TYR A 61 -30.48 2.28 -42.60
N ASN A 62 -29.63 1.37 -43.07
CA ASN A 62 -29.14 1.37 -44.45
C ASN A 62 -30.29 1.26 -45.44
N ASP A 63 -31.17 0.32 -45.11
CA ASP A 63 -32.32 0.04 -45.95
C ASP A 63 -33.55 -0.28 -45.13
N ARG A 64 -33.54 0.02 -43.84
CA ARG A 64 -34.70 -0.29 -43.01
C ARG A 64 -35.05 -1.73 -42.97
N ILE A 65 -34.02 -2.57 -43.07
CA ILE A 65 -34.26 -4.00 -42.96
C ILE A 65 -33.45 -4.37 -41.76
N ASN A 66 -34.18 -4.91 -40.78
CA ASN A 66 -33.61 -5.33 -39.52
C ASN A 66 -32.83 -6.64 -39.60
N LYS A 67 -31.51 -6.56 -39.40
CA LYS A 67 -30.64 -7.72 -39.36
C LYS A 67 -30.64 -8.39 -37.99
N LYS A 68 -30.05 -9.57 -38.02
CA LYS A 68 -30.02 -10.38 -36.83
C LYS A 68 -28.94 -10.09 -35.82
N HIS A 69 -29.36 -9.53 -34.69
CA HIS A 69 -28.39 -9.20 -33.65
C HIS A 69 -29.01 -9.56 -32.32
N PRO A 70 -29.03 -10.84 -32.00
CA PRO A 70 -29.62 -11.31 -30.76
C PRO A 70 -29.22 -10.63 -29.44
N LEU A 71 -30.24 -10.43 -28.62
CA LEU A 71 -30.08 -9.87 -27.29
C LEU A 71 -30.57 -10.96 -26.33
N ILE A 72 -29.81 -11.18 -25.27
CA ILE A 72 -30.22 -12.14 -24.26
C ILE A 72 -30.16 -11.42 -22.94
N ILE A 73 -31.24 -11.58 -22.17
CA ILE A 73 -31.33 -11.02 -20.82
C ILE A 73 -31.52 -12.24 -19.93
N GLY A 74 -30.67 -12.39 -18.92
CA GLY A 74 -30.66 -13.50 -17.94
C GLY A 74 -31.88 -13.58 -17.04
N GLU A 75 -31.90 -14.61 -16.19
CA GLU A 75 -33.03 -14.79 -15.30
C GLU A 75 -33.20 -13.76 -14.19
N ASN A 76 -34.46 -13.56 -13.84
CA ASN A 76 -34.88 -12.64 -12.79
C ASN A 76 -34.42 -11.23 -12.91
N ALA A 77 -34.48 -10.66 -14.10
CA ALA A 77 -34.06 -9.26 -14.20
C ALA A 77 -35.16 -8.44 -13.56
N LEU A 78 -34.80 -7.26 -13.07
CA LEU A 78 -35.73 -6.27 -12.57
C LEU A 78 -35.30 -4.98 -13.37
N ILE A 79 -35.82 -4.86 -14.58
CA ILE A 79 -35.56 -3.75 -15.51
C ILE A 79 -36.71 -2.77 -15.40
N ARG A 80 -36.30 -1.56 -15.02
CA ARG A 80 -37.29 -0.51 -14.88
C ARG A 80 -37.79 0.14 -16.18
N THR A 81 -38.65 1.14 -16.05
CA THR A 81 -39.25 1.73 -17.23
C THR A 81 -38.35 2.39 -18.22
N GLU A 82 -38.82 2.31 -19.45
CA GLU A 82 -38.12 2.91 -20.56
C GLU A 82 -36.66 2.64 -20.74
N ASN A 83 -36.22 1.43 -20.42
CA ASN A 83 -34.81 1.09 -20.69
C ASN A 83 -34.73 0.75 -22.18
N VAL A 84 -33.63 1.12 -22.81
CA VAL A 84 -33.44 0.84 -24.24
C VAL A 84 -32.21 -0.07 -24.29
N ILE A 85 -32.36 -1.29 -24.82
CA ILE A 85 -31.24 -2.20 -24.81
C ILE A 85 -31.06 -2.74 -26.21
N TYR A 86 -29.85 -2.56 -26.74
CA TYR A 86 -29.46 -2.98 -28.09
C TYR A 86 -29.25 -4.47 -28.30
N GLY A 87 -29.22 -4.88 -29.56
CA GLY A 87 -29.01 -6.29 -29.90
C GLY A 87 -27.52 -6.58 -29.84
N ASP A 88 -27.12 -7.85 -29.95
CA ASP A 88 -25.69 -8.23 -29.87
C ASP A 88 -25.09 -7.97 -28.48
N THR A 89 -25.95 -8.03 -27.48
CA THR A 89 -25.49 -7.78 -26.11
C THR A 89 -25.96 -8.92 -25.21
N ILE A 90 -25.23 -9.17 -24.13
CA ILE A 90 -25.60 -10.25 -23.19
C ILE A 90 -25.65 -9.73 -21.77
N ILE A 91 -26.76 -9.96 -21.07
CA ILE A 91 -26.87 -9.51 -19.71
C ILE A 91 -27.18 -10.77 -18.92
N GLY A 92 -26.47 -10.94 -17.83
CA GLY A 92 -26.59 -12.10 -16.93
C GLY A 92 -27.82 -12.07 -16.01
N ASP A 93 -27.75 -12.95 -15.03
CA ASP A 93 -28.86 -13.04 -14.09
C ASP A 93 -28.91 -11.97 -12.98
N ASN A 94 -30.11 -11.85 -12.43
CA ASN A 94 -30.38 -10.89 -11.36
C ASN A 94 -29.95 -9.47 -11.69
N PHE A 95 -30.16 -9.03 -12.91
CA PHE A 95 -29.83 -7.68 -13.34
C PHE A 95 -30.95 -6.76 -12.83
N GLN A 96 -30.62 -5.53 -12.41
CA GLN A 96 -31.64 -4.56 -11.94
C GLN A 96 -31.30 -3.19 -12.52
N THR A 97 -32.30 -2.42 -12.94
CA THR A 97 -31.97 -1.11 -13.42
C THR A 97 -32.91 -0.10 -12.89
N GLY A 98 -32.47 1.14 -13.03
CA GLY A 98 -33.30 2.27 -12.65
C GLY A 98 -34.04 2.65 -13.95
N HIS A 99 -34.56 3.87 -14.00
CA HIS A 99 -35.33 4.33 -15.15
C HIS A 99 -34.63 4.90 -16.34
N LYS A 100 -35.13 4.60 -17.54
CA LYS A 100 -34.51 5.25 -18.67
C LYS A 100 -33.01 5.10 -18.84
N VAL A 101 -32.58 3.87 -18.73
CA VAL A 101 -31.19 3.48 -18.92
C VAL A 101 -31.06 3.09 -20.38
N THR A 102 -29.86 3.31 -20.95
CA THR A 102 -29.60 2.98 -22.36
C THR A 102 -28.38 2.07 -22.35
N ILE A 103 -28.50 0.94 -23.04
CA ILE A 103 -27.38 0.00 -23.12
C ILE A 103 -27.13 -0.37 -24.60
N ARG A 104 -25.95 -0.06 -25.11
CA ARG A 104 -25.61 -0.35 -26.50
C ARG A 104 -25.24 -1.79 -26.90
N GLU A 105 -24.88 -1.95 -28.16
CA GLU A 105 -24.57 -3.29 -28.66
C GLU A 105 -23.15 -3.83 -28.37
N ASN A 106 -22.94 -5.14 -28.56
CA ASN A 106 -21.62 -5.73 -28.38
C ASN A 106 -21.12 -5.50 -26.96
N THR A 107 -22.06 -5.47 -26.04
CA THR A 107 -21.75 -5.27 -24.63
C THR A 107 -22.11 -6.47 -23.81
N LYS A 108 -21.28 -6.72 -22.80
CA LYS A 108 -21.47 -7.85 -21.90
C LYS A 108 -21.54 -7.41 -20.44
N ILE A 109 -22.65 -7.82 -19.83
CA ILE A 109 -22.90 -7.47 -18.44
C ILE A 109 -23.07 -8.75 -17.64
N GLY A 110 -22.36 -8.84 -16.53
CA GLY A 110 -22.42 -10.04 -15.68
C GLY A 110 -23.69 -10.23 -14.89
N ASN A 111 -23.56 -10.95 -13.76
CA ASN A 111 -24.68 -11.23 -12.86
C ASN A 111 -24.70 -10.32 -11.65
N ASN A 112 -25.91 -10.10 -11.16
CA ASN A 112 -26.12 -9.26 -10.00
C ASN A 112 -25.55 -7.87 -10.15
N VAL A 113 -25.75 -7.38 -11.35
CA VAL A 113 -25.29 -6.03 -11.69
C VAL A 113 -26.46 -5.08 -11.61
N LYS A 114 -26.18 -3.88 -11.12
CA LYS A 114 -27.20 -2.86 -10.99
C LYS A 114 -26.81 -1.61 -11.76
N ILE A 115 -27.69 -1.08 -12.60
CA ILE A 115 -27.38 0.11 -13.41
C ILE A 115 -28.52 1.08 -13.20
N GLY A 116 -28.14 2.22 -12.66
CA GLY A 116 -29.14 3.21 -12.30
C GLY A 116 -29.69 4.15 -13.36
N THR A 117 -30.71 4.86 -12.90
CA THR A 117 -31.47 5.82 -13.69
C THR A 117 -30.60 6.72 -14.56
N LEU A 118 -30.96 6.75 -15.85
CA LEU A 118 -30.29 7.55 -16.87
C LEU A 118 -28.93 6.99 -17.28
N SER A 119 -28.41 5.98 -16.58
CA SER A 119 -27.10 5.54 -17.06
C SER A 119 -27.04 5.19 -18.54
N ASP A 120 -25.87 5.47 -19.11
CA ASP A 120 -25.66 5.26 -20.56
C ASP A 120 -24.45 4.37 -20.79
N ILE A 121 -24.71 3.12 -21.17
CA ILE A 121 -23.62 2.15 -21.42
C ILE A 121 -23.45 2.09 -22.94
N GLN A 122 -22.25 2.40 -23.40
CA GLN A 122 -21.99 2.44 -24.84
C GLN A 122 -21.72 1.02 -25.34
N HIS A 123 -21.33 0.89 -26.59
CA HIS A 123 -21.06 -0.42 -27.20
C HIS A 123 -19.72 -0.97 -26.79
N HIS A 124 -19.53 -2.30 -26.97
CA HIS A 124 -18.24 -2.86 -26.65
C HIS A 124 -17.76 -2.52 -25.25
N VAL A 125 -18.68 -2.68 -24.33
CA VAL A 125 -18.34 -2.46 -22.93
C VAL A 125 -18.42 -3.82 -22.27
N TYR A 126 -17.58 -3.97 -21.24
CA TYR A 126 -17.53 -5.16 -20.43
C TYR A 126 -17.80 -4.78 -18.97
N ILE A 127 -18.83 -5.43 -18.41
CA ILE A 127 -19.18 -5.20 -17.00
C ILE A 127 -19.27 -6.57 -16.35
N GLY A 128 -18.52 -6.72 -15.25
CA GLY A 128 -18.49 -7.98 -14.55
C GLY A 128 -19.68 -8.21 -13.62
N ASN A 129 -19.45 -8.98 -12.56
CA ASN A 129 -20.55 -9.30 -11.65
C ASN A 129 -20.55 -8.45 -10.38
N TYR A 130 -21.75 -8.31 -9.83
CA TYR A 130 -21.88 -7.52 -8.61
C TYR A 130 -21.32 -6.11 -8.74
N VAL A 131 -21.52 -5.54 -9.93
CA VAL A 131 -21.10 -4.19 -10.28
C VAL A 131 -22.31 -3.32 -9.97
N ASN A 132 -22.06 -2.16 -9.37
CA ASN A 132 -23.11 -1.18 -9.05
C ASN A 132 -22.84 0.13 -9.78
N ILE A 133 -23.70 0.46 -10.75
CA ILE A 133 -23.50 1.71 -11.47
C ILE A 133 -24.72 2.46 -11.08
N HIS A 134 -24.50 3.63 -10.48
CA HIS A 134 -25.60 4.45 -9.96
C HIS A 134 -26.23 5.37 -11.01
N SER A 135 -26.85 6.46 -10.61
CA SER A 135 -27.49 7.36 -11.59
C SER A 135 -26.60 8.14 -12.56
N ASN A 136 -27.06 8.16 -13.81
CA ASN A 136 -26.50 8.92 -14.91
C ASN A 136 -24.98 8.78 -15.01
N VAL A 137 -24.56 7.54 -15.17
CA VAL A 137 -23.13 7.28 -15.31
C VAL A 137 -23.01 7.07 -16.81
N PHE A 138 -21.94 7.62 -17.37
CA PHE A 138 -21.63 7.44 -18.79
C PHE A 138 -20.49 6.44 -18.88
N VAL A 139 -20.73 5.32 -19.54
CA VAL A 139 -19.67 4.31 -19.72
C VAL A 139 -19.30 4.21 -21.18
N GLY A 140 -18.18 4.82 -21.56
CA GLY A 140 -17.77 4.75 -22.97
C GLY A 140 -17.30 3.39 -23.55
N GLU A 141 -17.40 3.26 -24.84
CA GLU A 141 -16.90 2.02 -25.44
C GLU A 141 -15.49 1.68 -25.04
N LYS A 142 -15.26 0.36 -24.97
CA LYS A 142 -13.98 -0.24 -24.60
C LYS A 142 -13.68 -0.20 -23.10
N SER A 143 -14.61 0.30 -22.30
CA SER A 143 -14.37 0.34 -20.86
C SER A 143 -14.48 -1.10 -20.39
N ILE A 144 -13.67 -1.41 -19.38
CA ILE A 144 -13.72 -2.75 -18.79
C ILE A 144 -13.94 -2.55 -17.31
N ILE A 145 -15.10 -3.01 -16.80
CA ILE A 145 -15.39 -2.82 -15.37
C ILE A 145 -15.49 -4.20 -14.73
N LYS A 146 -14.50 -4.46 -13.88
CA LYS A 146 -14.33 -5.72 -13.14
C LYS A 146 -15.34 -5.90 -12.03
N ASP A 147 -15.37 -7.10 -11.48
CA ASP A 147 -16.35 -7.39 -10.44
C ASP A 147 -16.37 -6.47 -9.21
N PHE A 148 -17.55 -6.24 -8.60
CA PHE A 148 -17.59 -5.45 -7.37
C PHE A 148 -17.19 -3.99 -7.42
N VAL A 149 -17.10 -3.46 -8.63
CA VAL A 149 -16.72 -2.04 -8.73
C VAL A 149 -18.00 -1.22 -8.51
N TRP A 150 -17.84 0.00 -7.98
CA TRP A 150 -18.96 0.92 -7.77
C TRP A 150 -18.70 2.21 -8.55
N LEU A 151 -19.68 2.62 -9.36
CA LEU A 151 -19.56 3.88 -10.10
C LEU A 151 -20.77 4.71 -9.57
N PHE A 152 -20.42 5.77 -8.84
CA PHE A 152 -21.38 6.70 -8.26
C PHE A 152 -22.00 7.70 -9.25
N PRO A 153 -23.10 8.36 -8.89
CA PRO A 153 -23.75 9.21 -9.88
C PRO A 153 -22.88 10.15 -10.69
N HIS A 154 -23.22 10.28 -11.97
CA HIS A 154 -22.52 11.20 -12.85
C HIS A 154 -21.05 10.88 -13.11
N VAL A 155 -20.62 9.62 -12.97
CA VAL A 155 -19.23 9.33 -13.29
C VAL A 155 -19.17 9.21 -14.83
N VAL A 156 -18.03 9.54 -15.42
CA VAL A 156 -17.89 9.48 -16.90
C VAL A 156 -16.55 8.79 -17.24
N LEU A 157 -16.58 7.69 -18.00
CA LEU A 157 -15.34 6.98 -18.35
C LEU A 157 -15.17 7.26 -19.83
N THR A 158 -14.02 7.86 -20.15
CA THR A 158 -13.74 8.29 -21.53
C THR A 158 -12.85 7.33 -22.30
N ASN A 159 -12.65 7.59 -23.58
CA ASN A 159 -11.79 6.70 -24.36
C ASN A 159 -11.01 7.33 -25.52
N ASP A 160 -11.30 8.58 -25.87
CA ASP A 160 -10.50 9.17 -26.98
C ASP A 160 -9.43 10.09 -26.37
N PRO A 161 -8.17 9.67 -26.34
CA PRO A 161 -7.09 10.42 -25.70
C PRO A 161 -6.77 11.81 -26.20
N THR A 162 -7.04 12.08 -27.47
CA THR A 162 -6.74 13.39 -28.08
C THR A 162 -7.87 13.51 -29.13
N PRO A 163 -9.08 13.79 -28.65
CA PRO A 163 -10.25 13.81 -29.51
C PRO A 163 -10.45 14.91 -30.54
N PRO A 164 -11.03 14.68 -31.71
CA PRO A 164 -11.50 13.37 -32.15
C PRO A 164 -10.29 12.70 -32.78
N SER A 165 -10.15 11.40 -32.57
CA SER A 165 -9.09 10.56 -33.10
C SER A 165 -9.61 9.18 -33.39
N ASN A 166 -8.77 8.42 -34.08
CA ASN A 166 -9.20 7.10 -34.49
C ASN A 166 -8.93 5.93 -33.57
N GLU A 167 -7.86 6.06 -32.79
CA GLU A 167 -7.39 5.03 -31.85
C GLU A 167 -7.89 5.24 -30.43
N LEU A 168 -8.86 4.44 -30.00
CA LEU A 168 -9.39 4.60 -28.65
C LEU A 168 -8.75 3.70 -27.62
N LEU A 169 -8.74 4.16 -26.37
CA LEU A 169 -8.13 3.38 -25.31
C LEU A 169 -9.17 3.33 -24.17
N GLY A 170 -9.70 2.15 -23.84
CA GLY A 170 -10.70 2.10 -22.81
C GLY A 170 -10.07 2.11 -21.43
N VAL A 171 -10.91 2.50 -20.49
CA VAL A 171 -10.46 2.52 -19.09
C VAL A 171 -10.64 1.12 -18.50
N THR A 172 -9.82 0.74 -17.51
CA THR A 172 -10.00 -0.56 -16.87
C THR A 172 -10.05 -0.24 -15.39
N ILE A 173 -11.16 -0.69 -14.80
CA ILE A 173 -11.42 -0.53 -13.40
C ILE A 173 -11.41 -1.97 -12.83
N GLU A 174 -10.40 -2.20 -12.01
CA GLU A 174 -10.09 -3.45 -11.33
C GLU A 174 -11.00 -3.73 -10.14
N LEU A 175 -10.94 -4.97 -9.70
CA LEU A 175 -11.81 -5.37 -8.57
C LEU A 175 -11.98 -4.46 -7.39
N PHE A 176 -13.25 -4.27 -7.00
CA PHE A 176 -13.68 -3.52 -5.83
C PHE A 176 -13.36 -2.02 -5.84
N ALA A 177 -12.80 -1.50 -6.92
CA ALA A 177 -12.47 -0.05 -6.88
C ALA A 177 -13.76 0.76 -6.85
N VAL A 178 -13.70 1.91 -6.21
CA VAL A 178 -14.90 2.72 -6.14
C VAL A 178 -14.59 4.06 -6.82
N ILE A 179 -15.47 4.51 -7.73
CA ILE A 179 -15.24 5.85 -8.35
C ILE A 179 -16.35 6.74 -7.75
N ALA A 180 -16.02 7.70 -6.90
CA ALA A 180 -17.02 8.56 -6.25
C ALA A 180 -17.73 9.50 -7.27
N ALA A 181 -18.83 10.11 -6.86
CA ALA A 181 -19.59 10.90 -7.80
C ALA A 181 -18.94 12.05 -8.58
N ARG A 182 -19.40 12.24 -9.82
CA ARG A 182 -18.98 13.34 -10.69
C ARG A 182 -17.49 13.36 -11.08
N SER A 183 -16.93 12.16 -11.01
CA SER A 183 -15.55 11.97 -11.40
C SER A 183 -15.51 11.63 -12.91
N VAL A 184 -14.41 12.05 -13.54
CA VAL A 184 -14.21 11.72 -14.96
C VAL A 184 -12.86 11.06 -15.03
N VAL A 185 -12.84 9.94 -15.74
CA VAL A 185 -11.58 9.21 -15.93
C VAL A 185 -11.06 9.31 -17.39
N LEU A 186 -9.80 9.73 -17.59
CA LEU A 186 -9.26 9.89 -18.93
C LEU A 186 -8.98 8.56 -19.65
N PRO A 187 -8.86 8.63 -20.97
CA PRO A 187 -8.70 7.41 -21.70
C PRO A 187 -7.49 6.57 -21.34
N GLY A 188 -7.72 5.25 -21.33
CA GLY A 188 -6.77 4.17 -21.12
C GLY A 188 -6.24 4.04 -19.70
N ILE A 189 -6.77 4.85 -18.79
CA ILE A 189 -6.32 4.81 -17.41
C ILE A 189 -6.68 3.51 -16.74
N HIS A 190 -5.79 3.08 -15.87
CA HIS A 190 -6.07 1.89 -15.12
C HIS A 190 -6.39 2.25 -13.68
N ILE A 191 -7.55 1.89 -13.14
CA ILE A 191 -7.87 2.20 -11.75
C ILE A 191 -7.65 0.86 -11.06
N ASN A 192 -6.62 0.77 -10.21
CA ASN A 192 -6.35 -0.52 -9.58
C ASN A 192 -7.24 -1.06 -8.47
N GLU A 193 -7.11 -2.34 -8.12
CA GLU A 193 -7.95 -2.92 -7.08
C GLU A 193 -8.08 -2.14 -5.82
N ASP A 194 -9.29 -2.11 -5.27
CA ASP A 194 -9.52 -1.40 -4.03
C ASP A 194 -9.04 0.06 -3.93
N ALA A 195 -9.03 0.73 -5.07
CA ALA A 195 -8.60 2.11 -5.12
C ALA A 195 -9.87 2.94 -4.86
N LEU A 196 -9.73 4.22 -4.53
CA LEU A 196 -10.91 5.06 -4.31
C LEU A 196 -10.65 6.37 -5.04
N VAL A 197 -11.55 6.73 -5.95
CA VAL A 197 -11.39 7.99 -6.67
C VAL A 197 -12.37 8.89 -5.95
N GLY A 198 -11.89 9.97 -5.32
CA GLY A 198 -12.75 10.90 -4.61
C GLY A 198 -13.73 11.68 -5.52
N ALA A 199 -14.80 12.12 -4.90
CA ALA A 199 -15.81 12.81 -5.69
C ALA A 199 -15.27 13.97 -6.50
N GLY A 200 -15.76 14.03 -7.73
CA GLY A 200 -15.50 15.11 -8.65
C GLY A 200 -14.13 15.10 -9.29
N ALA A 201 -13.36 14.07 -8.98
CA ALA A 201 -12.00 14.06 -9.49
C ALA A 201 -11.88 14.00 -11.01
N VAL A 202 -10.72 14.44 -11.48
CA VAL A 202 -10.35 14.37 -12.91
C VAL A 202 -9.13 13.44 -12.90
N VAL A 203 -9.36 12.16 -13.21
CA VAL A 203 -8.30 11.19 -13.12
C VAL A 203 -7.50 11.10 -14.41
N THR A 204 -6.28 11.63 -14.36
CA THR A 204 -5.35 11.69 -15.50
C THR A 204 -4.22 10.67 -15.57
N LYS A 205 -4.05 9.86 -14.53
CA LYS A 205 -2.97 8.87 -14.45
C LYS A 205 -3.52 7.63 -13.76
N ASP A 206 -2.85 6.49 -13.95
CA ASP A 206 -3.30 5.26 -13.29
C ASP A 206 -3.37 5.44 -11.79
N VAL A 207 -4.31 4.76 -11.16
CA VAL A 207 -4.43 4.91 -9.71
C VAL A 207 -4.00 3.56 -9.16
N PRO A 208 -2.94 3.56 -8.34
CA PRO A 208 -2.36 2.36 -7.74
C PRO A 208 -3.32 1.64 -6.78
N LYS A 209 -3.21 0.33 -6.60
CA LYS A 209 -4.09 -0.40 -5.71
C LYS A 209 -4.19 0.20 -4.31
N GLU A 210 -5.37 0.18 -3.71
CA GLU A 210 -5.59 0.68 -2.35
C GLU A 210 -5.14 2.10 -2.10
N THR A 211 -5.32 2.90 -3.13
CA THR A 211 -4.93 4.27 -3.02
C THR A 211 -6.12 5.17 -3.25
N VAL A 212 -6.14 6.28 -2.51
CA VAL A 212 -7.17 7.30 -2.61
C VAL A 212 -6.60 8.53 -3.34
N VAL A 213 -7.29 8.92 -4.41
CA VAL A 213 -6.91 10.13 -5.16
C VAL A 213 -8.08 11.10 -5.19
N VAL A 214 -7.76 12.39 -5.16
CA VAL A 214 -8.77 13.45 -5.23
C VAL A 214 -8.30 14.65 -6.05
N GLY A 215 -9.24 15.49 -6.50
CA GLY A 215 -8.82 16.69 -7.23
C GLY A 215 -8.86 16.70 -8.75
N ASN A 216 -8.48 17.85 -9.28
CA ASN A 216 -8.42 18.10 -10.70
C ASN A 216 -7.07 18.79 -10.91
N PRO A 217 -6.04 18.08 -11.41
CA PRO A 217 -6.04 16.65 -11.76
C PRO A 217 -5.97 15.89 -10.42
N ALA A 218 -6.45 14.65 -10.45
CA ALA A 218 -6.47 13.86 -9.23
C ALA A 218 -5.07 13.61 -8.76
N ARG A 219 -4.88 13.63 -7.44
CA ARG A 219 -3.58 13.38 -6.81
C ARG A 219 -3.85 12.44 -5.63
N GLU A 220 -2.86 11.58 -5.43
CA GLU A 220 -2.89 10.60 -4.32
C GLU A 220 -2.84 11.31 -2.99
N ILE A 221 -3.78 10.98 -2.11
CA ILE A 221 -3.71 11.65 -0.83
C ILE A 221 -3.36 10.64 0.26
N CYS A 222 -3.63 9.35 0.04
CA CYS A 222 -3.33 8.45 1.14
C CYS A 222 -3.77 7.05 0.77
N SER A 223 -3.46 6.11 1.67
CA SER A 223 -3.86 4.69 1.55
C SER A 223 -5.38 4.66 1.85
N ILE A 224 -6.11 3.81 1.13
CA ILE A 224 -7.55 3.78 1.43
C ILE A 224 -7.73 3.32 2.90
N ARG A 225 -6.75 2.57 3.43
CA ARG A 225 -6.83 2.02 4.78
C ARG A 225 -6.85 3.10 5.85
N LYS A 226 -6.43 4.31 5.50
CA LYS A 226 -6.38 5.38 6.46
C LYS A 226 -7.73 5.96 6.81
N ILE A 227 -8.67 5.71 5.90
CA ILE A 227 -10.03 6.22 6.04
C ILE A 227 -10.88 5.61 7.13
N LYS A 228 -11.44 6.53 7.93
CA LYS A 228 -12.33 6.23 9.06
C LYS A 228 -13.83 6.52 8.80
N ASN A 229 -14.72 5.63 9.20
CA ASN A 229 -16.13 5.93 8.97
C ASN A 229 -16.43 7.22 9.73
N LYS A 230 -17.09 8.14 9.04
CA LYS A 230 -17.45 9.46 9.60
C LYS A 230 -18.42 9.47 10.78
N ILE A 231 -19.19 8.40 10.91
CA ILE A 231 -20.16 8.26 11.99
C ILE A 231 -19.61 7.37 13.11
N THR A 232 -19.04 6.22 12.72
CA THR A 232 -18.53 5.28 13.70
C THR A 232 -17.04 5.32 14.01
N GLY A 233 -16.22 6.05 13.26
CA GLY A 233 -14.78 6.15 13.50
C GLY A 233 -13.95 4.88 13.11
N GLU A 234 -14.64 3.85 12.64
CA GLU A 234 -13.99 2.60 12.24
C GLU A 234 -13.31 2.72 10.87
N GLN A 235 -12.29 1.90 10.63
CA GLN A 235 -11.58 1.89 9.35
C GLN A 235 -12.58 1.35 8.30
N VAL A 236 -12.68 2.03 7.16
CA VAL A 236 -13.67 1.58 6.19
C VAL A 236 -13.32 0.53 5.16
N TYR A 237 -12.13 0.69 4.59
CA TYR A 237 -11.60 -0.09 3.47
C TYR A 237 -10.48 -1.07 3.81
N PRO A 238 -10.40 -2.18 3.07
CA PRO A 238 -11.29 -2.49 1.93
C PRO A 238 -12.71 -2.62 2.38
N TRP A 239 -13.61 -2.07 1.56
CA TRP A 239 -15.01 -2.07 1.90
C TRP A 239 -15.65 -3.42 2.03
N ARG A 240 -15.05 -4.44 1.42
CA ARG A 240 -15.66 -5.76 1.53
C ARG A 240 -15.82 -6.23 2.97
N TYR A 241 -15.02 -5.70 3.90
CA TYR A 241 -15.20 -6.17 5.30
C TYR A 241 -16.11 -5.32 6.12
N THR A 242 -16.61 -4.24 5.54
CA THR A 242 -17.46 -3.33 6.29
C THR A 242 -18.83 -3.13 5.68
N PHE A 243 -18.97 -3.61 4.44
CA PHE A 243 -20.24 -3.42 3.74
C PHE A 243 -20.64 -4.71 3.06
N LYS A 244 -21.87 -5.16 3.25
CA LYS A 244 -22.21 -6.44 2.58
C LYS A 244 -23.63 -6.53 2.05
N ARG A 245 -24.33 -5.41 2.13
CA ARG A 245 -25.68 -5.36 1.65
C ARG A 245 -25.65 -5.72 0.18
N GLY A 246 -26.43 -6.71 -0.22
CA GLY A 246 -26.47 -7.11 -1.63
C GLY A 246 -25.24 -7.83 -2.16
N MET A 247 -24.33 -8.17 -1.26
CA MET A 247 -23.14 -8.86 -1.73
C MET A 247 -23.32 -10.37 -1.49
N PRO A 248 -22.51 -11.16 -2.17
CA PRO A 248 -22.62 -12.62 -2.03
C PRO A 248 -22.19 -13.09 -0.64
N TRP A 249 -21.52 -12.26 0.14
CA TRP A 249 -21.18 -12.79 1.46
C TRP A 249 -22.13 -12.18 2.50
N GLU A 250 -23.23 -11.64 2.01
CA GLU A 250 -24.20 -11.01 2.90
C GLU A 250 -24.64 -11.86 4.11
N GLU A 251 -24.82 -13.15 3.87
CA GLU A 251 -25.29 -14.05 4.91
C GLU A 251 -24.19 -14.69 5.74
N THR A 252 -22.95 -14.38 5.40
CA THR A 252 -21.77 -14.88 6.09
C THR A 252 -20.82 -13.73 6.33
N ASP A 253 -19.59 -13.92 5.88
CA ASP A 253 -18.55 -12.90 6.04
C ASP A 253 -17.60 -13.03 4.83
N TYR A 254 -16.88 -11.98 4.49
CA TYR A 254 -16.06 -12.10 3.29
C TYR A 254 -15.06 -13.25 3.23
N ASP A 255 -14.30 -13.26 4.32
CA ASP A 255 -13.26 -14.26 4.51
C ASP A 255 -13.78 -15.70 4.29
N THR A 256 -14.86 -16.09 4.96
CA THR A 256 -15.43 -17.42 4.80
C THR A 256 -15.86 -17.60 3.37
N TRP A 257 -16.52 -16.59 2.83
CA TRP A 257 -17.07 -16.66 1.49
C TRP A 257 -15.96 -16.88 0.45
N ILE A 258 -14.88 -16.12 0.57
CA ILE A 258 -13.82 -16.13 -0.42
C ILE A 258 -12.98 -17.41 -0.31
N LYS A 259 -12.88 -17.94 0.89
CA LYS A 259 -12.39 -19.30 1.09
C LYS A 259 -13.13 -20.29 0.20
N ASN A 260 -14.44 -20.12 0.09
CA ASN A 260 -15.28 -21.08 -0.61
C ASN A 260 -15.19 -20.94 -2.12
N ILE A 261 -14.90 -19.73 -2.58
CA ILE A 261 -14.70 -19.48 -4.01
C ILE A 261 -13.23 -19.37 -4.42
N ASN B 3 -0.02 -15.14 14.13
CA ASN B 3 0.25 -13.78 13.64
C ASN B 3 -0.88 -12.77 13.85
N ASN B 4 -0.47 -11.53 14.13
CA ASN B 4 -1.42 -10.46 14.36
C ASN B 4 -0.96 -9.33 13.43
N ILE B 5 -1.63 -9.20 12.31
CA ILE B 5 -1.23 -8.20 11.34
C ILE B 5 -2.31 -7.16 11.30
N SER B 6 -2.00 -5.91 11.67
CA SER B 6 -3.01 -4.84 11.66
C SER B 6 -3.72 -4.63 10.34
N LYS B 7 -5.03 -4.35 10.36
CA LYS B 7 -5.75 -4.10 9.11
C LYS B 7 -5.33 -2.74 8.51
N SER B 8 -4.54 -1.94 9.23
CA SER B 8 -4.13 -0.68 8.59
C SER B 8 -2.71 -0.82 8.07
N ALA B 9 -2.08 -1.97 8.26
CA ALA B 9 -0.72 -2.10 7.72
C ALA B 9 -0.75 -2.22 6.18
N ILE B 10 0.30 -1.70 5.56
CA ILE B 10 0.42 -1.72 4.09
C ILE B 10 1.52 -2.75 3.79
N ILE B 11 1.14 -3.87 3.17
CA ILE B 11 2.13 -4.92 2.88
C ILE B 11 2.20 -5.01 1.40
N LYS B 12 3.37 -4.69 0.88
CA LYS B 12 3.52 -4.70 -0.55
C LYS B 12 3.75 -6.10 -1.11
N GLU B 13 3.78 -6.12 -2.44
CA GLU B 13 3.98 -7.39 -3.14
C GLU B 13 5.36 -8.02 -2.89
N GLY B 14 5.33 -9.36 -2.94
CA GLY B 14 6.49 -10.20 -2.74
C GLY B 14 6.94 -10.37 -1.28
N VAL B 15 6.21 -9.77 -0.33
CA VAL B 15 6.57 -9.85 1.10
C VAL B 15 6.20 -11.24 1.54
N ILE B 16 7.12 -11.86 2.27
CA ILE B 16 6.90 -13.22 2.75
C ILE B 16 6.89 -13.05 4.28
N ILE B 17 5.90 -13.65 4.92
CA ILE B 17 5.77 -13.57 6.35
C ILE B 17 5.71 -14.94 7.03
N GLY B 18 6.52 -15.13 8.06
CA GLY B 18 6.56 -16.40 8.76
C GLY B 18 5.50 -16.51 9.87
N GLU B 19 5.83 -17.25 10.91
CA GLU B 19 4.99 -17.53 12.06
C GLU B 19 5.27 -16.66 13.31
N ASN B 20 4.24 -16.34 14.07
CA ASN B 20 4.40 -15.52 15.28
C ASN B 20 4.96 -14.15 14.94
N VAL B 21 4.33 -13.51 13.98
CA VAL B 21 4.73 -12.18 13.56
C VAL B 21 3.61 -11.24 13.98
N THR B 22 4.00 -10.07 14.51
CA THR B 22 3.06 -9.05 14.89
C THR B 22 3.47 -7.82 14.09
N ILE B 23 2.49 -7.28 13.36
CA ILE B 23 2.69 -6.06 12.55
C ILE B 23 1.58 -5.11 13.01
N GLU B 24 1.99 -4.04 13.66
CA GLU B 24 1.08 -3.05 14.22
C GLU B 24 0.47 -2.11 13.24
N ASP B 25 -0.31 -1.17 13.79
CA ASP B 25 -1.00 -0.21 12.93
C ASP B 25 -0.09 0.64 12.09
N ASN B 26 -0.53 0.94 10.87
CA ASN B 26 0.20 1.86 10.03
C ASN B 26 1.66 1.48 9.74
N VAL B 27 1.93 0.21 9.65
CA VAL B 27 3.27 -0.19 9.33
C VAL B 27 3.23 -0.34 7.80
N TYR B 28 4.34 0.00 7.15
CA TYR B 28 4.40 -0.14 5.69
C TYR B 28 5.58 -1.09 5.46
N ILE B 29 5.32 -2.24 4.85
CA ILE B 29 6.36 -3.21 4.56
C ILE B 29 6.60 -3.17 3.06
N ASP B 30 7.72 -2.60 2.65
CA ASP B 30 7.94 -2.51 1.20
C ASP B 30 8.18 -3.81 0.41
N TYR B 31 8.15 -3.75 -0.92
CA TYR B 31 8.31 -4.94 -1.76
C TYR B 31 9.35 -5.96 -1.38
N GLY B 32 8.96 -7.23 -1.42
CA GLY B 32 9.91 -8.33 -1.23
C GLY B 32 10.56 -8.58 0.10
N CYS B 33 10.10 -7.87 1.11
CA CYS B 33 10.68 -8.13 2.43
C CYS B 33 10.41 -9.58 2.85
N ILE B 34 11.37 -10.13 3.59
CA ILE B 34 11.19 -11.48 4.16
C ILE B 34 11.05 -11.26 5.67
N ILE B 35 9.88 -11.55 6.23
CA ILE B 35 9.75 -11.37 7.67
C ILE B 35 9.67 -12.80 8.22
N ARG B 36 10.78 -13.27 8.79
CA ARG B 36 10.90 -14.62 9.37
C ARG B 36 10.07 -14.77 10.68
N ASP B 37 10.08 -15.94 11.28
CA ASP B 37 9.27 -16.14 12.50
C ASP B 37 9.69 -15.22 13.64
N ASN B 38 8.77 -14.99 14.58
CA ASN B 38 9.02 -14.25 15.81
C ASN B 38 9.52 -12.84 15.62
N VAL B 39 8.79 -12.08 14.83
CA VAL B 39 9.17 -10.69 14.62
C VAL B 39 7.96 -9.81 14.99
N HIS B 40 8.25 -8.73 15.71
CA HIS B 40 7.24 -7.79 16.17
C HIS B 40 7.66 -6.39 15.71
N ILE B 41 6.83 -5.84 14.84
CA ILE B 41 7.10 -4.51 14.31
C ILE B 41 6.04 -3.54 14.83
N LYS B 42 6.49 -2.55 15.58
CA LYS B 42 5.53 -1.62 16.18
C LYS B 42 5.04 -0.53 15.23
N LYS B 43 3.91 0.02 15.61
CA LYS B 43 3.22 1.02 14.83
C LYS B 43 4.00 2.17 14.20
N GLY B 44 3.56 2.51 12.99
CA GLY B 44 4.13 3.63 12.26
C GLY B 44 5.44 3.35 11.51
N SER B 45 5.97 2.14 11.69
CA SER B 45 7.23 1.77 11.04
C SER B 45 7.13 1.48 9.58
N PHE B 46 8.21 1.81 8.89
CA PHE B 46 8.36 1.55 7.48
C PHE B 46 9.54 0.57 7.30
N ILE B 47 9.39 -0.52 6.54
CA ILE B 47 10.52 -1.47 6.37
C ILE B 47 10.82 -1.53 4.91
N GLY B 48 12.07 -1.17 4.64
CA GLY B 48 12.62 -1.06 3.29
C GLY B 48 12.63 -2.32 2.46
N ALA B 49 12.38 -2.14 1.18
CA ALA B 49 12.34 -3.25 0.22
C ALA B 49 13.44 -4.29 0.40
N ARG B 50 12.97 -5.52 0.40
CA ARG B 50 13.83 -6.68 0.47
C ARG B 50 14.66 -6.78 1.70
N SER B 51 14.18 -6.15 2.76
CA SER B 51 14.91 -6.29 4.02
C SER B 51 14.50 -7.69 4.50
N ILE B 52 15.26 -8.23 5.45
CA ILE B 52 14.96 -9.58 5.94
C ILE B 52 15.02 -9.42 7.45
N LEU B 53 13.88 -9.62 8.10
CA LEU B 53 13.85 -9.45 9.55
C LEU B 53 13.64 -10.73 10.26
N GLY B 54 14.37 -10.89 11.35
CA GLY B 54 14.31 -12.12 12.16
C GLY B 54 15.29 -13.10 11.53
N GLU B 55 16.36 -12.56 10.96
CA GLU B 55 17.34 -13.41 10.26
C GLU B 55 17.78 -14.59 11.13
N TYR B 56 17.96 -15.78 10.55
CA TYR B 56 18.35 -16.95 11.31
C TYR B 56 19.64 -16.91 12.13
N LEU B 57 19.56 -17.37 13.39
CA LEU B 57 20.70 -17.51 14.31
C LEU B 57 21.38 -18.86 13.94
N VAL B 58 22.65 -19.03 14.34
CA VAL B 58 23.43 -20.20 13.96
C VAL B 58 22.72 -21.47 14.33
N ASP B 59 21.99 -21.46 15.43
CA ASP B 59 21.32 -22.70 15.80
C ASP B 59 20.32 -23.21 14.75
N PHE B 60 19.81 -22.38 13.85
CA PHE B 60 18.87 -22.84 12.80
C PHE B 60 19.55 -23.93 11.91
N TYR B 61 20.83 -23.66 11.64
CA TYR B 61 21.64 -24.49 10.75
C TYR B 61 21.93 -25.94 11.04
N ASN B 62 21.92 -26.25 12.33
CA ASN B 62 22.10 -27.61 12.87
C ASN B 62 21.15 -28.53 12.09
N ASP B 63 19.86 -28.21 12.12
CA ASP B 63 18.90 -29.04 11.41
C ASP B 63 17.88 -28.32 10.53
N ARG B 64 18.09 -27.02 10.26
CA ARG B 64 17.19 -26.19 9.48
C ARG B 64 15.75 -26.12 10.04
N ILE B 65 15.68 -26.05 11.36
CA ILE B 65 14.42 -25.89 12.07
C ILE B 65 14.74 -24.59 12.81
N ASN B 66 13.97 -23.54 12.54
CA ASN B 66 14.21 -22.26 13.15
C ASN B 66 13.83 -22.27 14.63
N LYS B 67 14.70 -21.86 15.56
CA LYS B 67 14.27 -21.84 16.97
C LYS B 67 13.76 -20.42 17.25
N LYS B 68 13.08 -20.25 18.39
CA LYS B 68 12.50 -18.98 18.80
C LYS B 68 13.46 -17.91 19.32
N HIS B 69 13.64 -16.89 18.50
CA HIS B 69 14.50 -15.77 18.81
C HIS B 69 13.83 -14.48 18.44
N PRO B 70 12.95 -14.07 19.33
CA PRO B 70 12.24 -12.84 19.07
C PRO B 70 13.01 -11.56 18.74
N LEU B 71 12.50 -10.88 17.71
CA LEU B 71 12.99 -9.58 17.32
C LEU B 71 11.83 -8.60 17.51
N ILE B 72 12.17 -7.47 18.14
CA ILE B 72 11.23 -6.38 18.32
C ILE B 72 11.83 -5.10 17.78
N ILE B 73 11.03 -4.41 17.00
CA ILE B 73 11.44 -3.12 16.46
C ILE B 73 10.32 -2.16 16.90
N GLY B 74 10.76 -1.06 17.51
CA GLY B 74 9.95 0.04 18.02
C GLY B 74 9.16 0.84 17.00
N GLU B 75 8.34 1.75 17.54
CA GLU B 75 7.49 2.54 16.66
C GLU B 75 8.24 3.50 15.78
N ASN B 76 7.55 3.83 14.69
CA ASN B 76 8.01 4.80 13.73
C ASN B 76 9.40 4.55 13.18
N ALA B 77 9.77 3.28 12.92
CA ALA B 77 11.10 3.02 12.35
C ALA B 77 11.10 3.52 10.89
N LEU B 78 12.27 3.89 10.40
CA LEU B 78 12.41 4.30 9.01
C LEU B 78 13.62 3.40 8.62
N ILE B 79 13.36 2.17 8.19
CA ILE B 79 14.43 1.25 7.90
C ILE B 79 14.47 1.20 6.39
N ARG B 80 15.65 1.47 5.84
CA ARG B 80 15.78 1.45 4.38
C ARG B 80 15.99 0.02 3.79
N THR B 81 16.22 0.01 2.48
CA THR B 81 16.31 -1.26 1.78
C THR B 81 17.37 -2.27 2.16
N GLU B 82 16.99 -3.53 1.97
CA GLU B 82 17.87 -4.67 2.21
C GLU B 82 18.60 -4.67 3.54
N ASN B 83 17.87 -4.35 4.60
CA ASN B 83 18.56 -4.41 5.89
C ASN B 83 18.30 -5.86 6.35
N VAL B 84 19.27 -6.39 7.08
CA VAL B 84 19.16 -7.74 7.65
C VAL B 84 19.28 -7.57 9.17
N ILE B 85 18.24 -8.01 9.87
CA ILE B 85 18.25 -7.87 11.33
C ILE B 85 17.87 -9.21 11.96
N TYR B 86 18.77 -9.71 12.81
CA TYR B 86 18.64 -10.97 13.53
C TYR B 86 17.65 -11.01 14.68
N GLY B 87 17.31 -12.22 15.13
CA GLY B 87 16.37 -12.34 16.25
C GLY B 87 17.15 -12.11 17.56
N ASP B 88 16.42 -12.11 18.67
CA ASP B 88 16.98 -11.87 19.98
C ASP B 88 17.58 -10.49 20.11
N THR B 89 16.97 -9.55 19.40
CA THR B 89 17.46 -8.17 19.37
C THR B 89 16.30 -7.23 19.55
N ILE B 90 16.61 -6.11 20.19
CA ILE B 90 15.58 -5.12 20.47
C ILE B 90 16.04 -3.77 20.00
N ILE B 91 15.14 -3.13 19.23
CA ILE B 91 15.46 -1.82 18.70
C ILE B 91 14.33 -0.90 19.15
N GLY B 92 14.72 0.28 19.61
CA GLY B 92 13.78 1.27 20.16
C GLY B 92 13.02 2.06 19.17
N ASP B 93 12.40 3.16 19.61
CA ASP B 93 11.58 3.93 18.66
C ASP B 93 12.36 4.90 17.79
N ASN B 94 11.68 5.30 16.70
CA ASN B 94 12.24 6.27 15.78
C ASN B 94 13.63 5.85 15.30
N PHE B 95 13.81 4.57 15.01
CA PHE B 95 15.10 4.12 14.53
C PHE B 95 15.14 4.46 13.05
N GLN B 96 16.33 4.70 12.51
CA GLN B 96 16.38 5.00 11.07
C GLN B 96 17.67 4.37 10.54
N THR B 97 17.63 3.82 9.32
CA THR B 97 18.85 3.22 8.76
C THR B 97 19.06 3.59 7.31
N GLY B 98 20.27 3.37 6.83
CA GLY B 98 20.66 3.56 5.45
C GLY B 98 20.40 2.18 4.82
N HIS B 99 20.98 2.00 3.63
CA HIS B 99 20.75 0.80 2.87
C HIS B 99 21.68 -0.33 3.20
N LYS B 100 21.15 -1.55 3.08
CA LYS B 100 21.98 -2.73 3.29
C LYS B 100 22.82 -2.76 4.61
N VAL B 101 22.13 -2.46 5.71
CA VAL B 101 22.72 -2.49 7.07
C VAL B 101 22.48 -3.93 7.60
N THR B 102 23.36 -4.41 8.48
CA THR B 102 23.23 -5.75 9.03
C THR B 102 23.30 -5.60 10.56
N ILE B 103 22.34 -6.20 11.26
CA ILE B 103 22.34 -6.11 12.73
C ILE B 103 22.15 -7.52 13.26
N ARG B 104 23.15 -7.98 14.02
CA ARG B 104 23.14 -9.29 14.60
C ARG B 104 22.32 -9.45 15.87
N GLU B 105 22.35 -10.64 16.44
CA GLU B 105 21.54 -11.01 17.58
C GLU B 105 22.05 -10.58 18.90
N ASN B 106 21.08 -10.66 19.82
CA ASN B 106 21.30 -10.31 21.22
C ASN B 106 21.90 -8.95 21.35
N THR B 107 21.36 -8.00 20.60
CA THR B 107 21.83 -6.62 20.60
C THR B 107 20.65 -5.75 21.00
N LYS B 108 21.04 -4.66 21.63
CA LYS B 108 20.08 -3.71 22.13
C LYS B 108 20.41 -2.34 21.59
N ILE B 109 19.44 -1.72 20.94
CA ILE B 109 19.60 -0.40 20.37
C ILE B 109 18.53 0.51 20.93
N GLY B 110 18.88 1.73 21.32
CA GLY B 110 17.81 2.55 21.89
C GLY B 110 16.92 3.30 20.94
N ASN B 111 16.51 4.46 21.43
CA ASN B 111 15.64 5.31 20.64
C ASN B 111 16.34 6.42 19.90
N ASN B 112 15.72 6.77 18.78
CA ASN B 112 16.22 7.85 17.94
C ASN B 112 17.61 7.57 17.46
N VAL B 113 17.85 6.30 17.14
CA VAL B 113 19.20 5.98 16.68
C VAL B 113 19.26 5.92 15.14
N LYS B 114 20.40 6.32 14.56
CA LYS B 114 20.49 6.24 13.10
C LYS B 114 21.67 5.35 12.78
N ILE B 115 21.54 4.42 11.84
CA ILE B 115 22.61 3.50 11.48
C ILE B 115 22.70 3.49 9.96
N GLY B 116 23.81 4.07 9.48
CA GLY B 116 24.14 4.32 8.08
C GLY B 116 24.42 3.17 7.14
N THR B 117 24.33 3.49 5.87
CA THR B 117 24.51 2.52 4.79
C THR B 117 25.70 1.61 4.96
N LEU B 118 25.49 0.29 4.79
CA LEU B 118 26.55 -0.73 4.93
C LEU B 118 27.01 -1.02 6.38
N SER B 119 26.57 -0.22 7.36
CA SER B 119 27.08 -0.51 8.71
C SER B 119 26.80 -1.95 9.10
N ASP B 120 27.70 -2.47 9.94
CA ASP B 120 27.62 -3.86 10.38
C ASP B 120 27.76 -3.83 11.89
N ILE B 121 26.65 -4.15 12.54
CA ILE B 121 26.51 -4.18 13.99
C ILE B 121 26.49 -5.66 14.39
N GLN B 122 27.51 -6.07 15.14
CA GLN B 122 27.62 -7.46 15.57
C GLN B 122 26.68 -7.86 16.71
N HIS B 123 26.81 -9.05 17.28
CA HIS B 123 25.90 -9.53 18.32
C HIS B 123 26.42 -9.00 19.65
N HIS B 124 25.60 -9.06 20.67
CA HIS B 124 26.04 -8.57 21.95
C HIS B 124 26.54 -7.15 21.99
N VAL B 125 25.84 -6.28 21.28
CA VAL B 125 26.19 -4.87 21.26
C VAL B 125 25.10 -4.05 21.98
N TYR B 126 25.54 -2.96 22.61
CA TYR B 126 24.62 -2.04 23.29
C TYR B 126 24.82 -0.68 22.66
N ILE B 127 23.72 -0.11 22.17
CA ILE B 127 23.72 1.19 21.54
C ILE B 127 22.65 1.98 22.29
N GLY B 128 23.04 3.10 22.87
CA GLY B 128 22.09 3.91 23.63
C GLY B 128 21.16 4.70 22.72
N ASN B 129 20.71 5.85 23.21
CA ASN B 129 19.77 6.71 22.48
C ASN B 129 20.44 7.83 21.76
N TYR B 130 19.78 8.27 20.69
CA TYR B 130 20.31 9.40 19.90
C TYR B 130 21.75 9.18 19.49
N VAL B 131 22.03 7.97 19.04
CA VAL B 131 23.40 7.65 18.61
C VAL B 131 23.41 7.81 17.09
N ASN B 132 24.49 8.35 16.53
CA ASN B 132 24.53 8.52 15.09
C ASN B 132 25.67 7.68 14.54
N ILE B 133 25.35 6.63 13.77
CA ILE B 133 26.37 5.76 13.16
C ILE B 133 26.18 5.94 11.68
N HIS B 134 27.23 6.47 11.03
CA HIS B 134 27.20 6.77 9.59
C HIS B 134 27.50 5.55 8.71
N SER B 135 27.98 5.80 7.50
CA SER B 135 28.25 4.76 6.53
C SER B 135 29.37 3.80 6.85
N ASN B 136 29.06 2.57 6.59
CA ASN B 136 30.00 1.48 6.71
C ASN B 136 30.84 1.39 7.99
N VAL B 137 30.14 1.46 9.13
CA VAL B 137 30.82 1.35 10.43
C VAL B 137 30.77 -0.10 10.86
N PHE B 138 31.87 -0.58 11.45
CA PHE B 138 31.88 -1.93 12.00
C PHE B 138 31.82 -1.85 13.55
N VAL B 139 30.81 -2.45 14.18
CA VAL B 139 30.71 -2.43 15.66
C VAL B 139 30.82 -3.88 16.17
N GLY B 140 32.00 -4.19 16.75
CA GLY B 140 32.27 -5.57 17.20
C GLY B 140 31.45 -5.96 18.43
N GLU B 141 31.19 -7.24 18.62
CA GLU B 141 30.41 -7.72 19.76
C GLU B 141 31.05 -7.13 21.02
N LYS B 142 30.22 -6.93 22.05
CA LYS B 142 30.74 -6.38 23.31
C LYS B 142 30.93 -4.86 23.28
N SER B 143 30.78 -4.20 22.13
CA SER B 143 30.93 -2.75 22.11
C SER B 143 29.83 -2.10 22.96
N ILE B 144 30.16 -1.04 23.69
CA ILE B 144 29.14 -0.36 24.48
C ILE B 144 29.15 1.08 24.01
N ILE B 145 28.05 1.50 23.36
CA ILE B 145 27.98 2.86 22.82
C ILE B 145 26.87 3.63 23.52
N LYS B 146 27.29 4.64 24.25
CA LYS B 146 26.32 5.43 25.01
C LYS B 146 25.62 6.51 24.22
N ASP B 147 24.67 7.13 24.91
CA ASP B 147 23.92 8.21 24.31
C ASP B 147 24.73 9.33 23.65
N PHE B 148 24.17 9.81 22.53
CA PHE B 148 24.75 10.92 21.80
C PHE B 148 26.08 10.68 21.16
N VAL B 149 26.49 9.44 21.04
CA VAL B 149 27.78 9.23 20.39
C VAL B 149 27.63 9.31 18.84
N TRP B 150 28.68 9.75 18.15
CA TRP B 150 28.72 9.82 16.68
C TRP B 150 29.89 8.93 16.24
N LEU B 151 29.60 8.01 15.31
CA LEU B 151 30.67 7.18 14.76
C LEU B 151 30.62 7.49 13.25
N PHE B 152 31.62 8.21 12.75
CA PHE B 152 31.70 8.61 11.33
C PHE B 152 32.07 7.45 10.38
N PRO B 153 31.97 7.68 9.08
CA PRO B 153 32.17 6.56 8.16
C PRO B 153 33.43 5.73 8.32
N HIS B 154 33.24 4.42 8.15
CA HIS B 154 34.34 3.48 8.24
C HIS B 154 35.12 3.43 9.54
N VAL B 155 34.42 3.68 10.64
CA VAL B 155 35.04 3.57 11.95
C VAL B 155 34.95 2.08 12.28
N VAL B 156 35.92 1.56 13.03
CA VAL B 156 35.85 0.14 13.35
C VAL B 156 36.19 -0.01 14.82
N LEU B 157 35.31 -0.71 15.53
CA LEU B 157 35.52 -0.97 16.96
C LEU B 157 35.83 -2.43 17.12
N THR B 158 37.05 -2.75 17.56
CA THR B 158 37.47 -4.16 17.74
C THR B 158 37.27 -4.67 19.17
N ASN B 159 37.55 -5.97 19.35
CA ASN B 159 37.42 -6.57 20.67
C ASN B 159 38.37 -7.72 21.04
N ASP B 160 39.22 -8.19 20.13
CA ASP B 160 40.14 -9.29 20.39
C ASP B 160 41.51 -8.68 20.53
N PRO B 161 42.03 -8.59 21.75
CA PRO B 161 43.32 -7.95 22.03
C PRO B 161 44.55 -8.59 21.49
N THR B 162 44.52 -9.92 21.31
CA THR B 162 45.66 -10.72 20.83
C THR B 162 44.99 -11.81 20.00
N PRO B 163 44.52 -11.39 18.82
CA PRO B 163 43.79 -12.32 17.98
C PRO B 163 44.57 -13.43 17.27
N PRO B 164 44.00 -14.64 17.13
CA PRO B 164 42.65 -14.96 17.67
C PRO B 164 42.81 -15.41 19.11
N SER B 165 41.90 -14.99 19.98
CA SER B 165 41.91 -15.37 21.40
C SER B 165 40.50 -15.52 21.93
N ASN B 166 40.43 -16.11 23.12
CA ASN B 166 39.12 -16.40 23.70
C ASN B 166 38.41 -15.35 24.52
N GLU B 167 39.21 -14.52 25.14
CA GLU B 167 38.72 -13.45 26.01
C GLU B 167 38.67 -12.10 25.32
N LEU B 168 37.47 -11.68 24.98
CA LEU B 168 37.29 -10.41 24.30
C LEU B 168 37.03 -9.25 25.26
N LEU B 169 37.40 -8.05 24.82
CA LEU B 169 37.17 -6.85 25.62
C LEU B 169 36.49 -5.85 24.69
N GLY B 170 35.25 -5.49 24.98
CA GLY B 170 34.57 -4.53 24.10
C GLY B 170 35.11 -3.12 24.31
N VAL B 171 34.83 -2.24 23.37
CA VAL B 171 35.22 -0.81 23.46
C VAL B 171 34.03 -0.13 24.15
N THR B 172 34.24 0.88 24.98
CA THR B 172 33.10 1.56 25.60
C THR B 172 33.27 3.04 25.28
N ILE B 173 32.26 3.63 24.65
CA ILE B 173 32.31 5.03 24.23
C ILE B 173 31.25 5.77 25.01
N GLU B 174 31.74 6.68 25.84
CA GLU B 174 30.90 7.47 26.71
C GLU B 174 30.11 8.56 26.03
N LEU B 175 29.19 9.13 26.83
CA LEU B 175 28.32 10.18 26.35
C LEU B 175 28.98 11.25 25.50
N PHE B 176 28.32 11.58 24.40
CA PHE B 176 28.70 12.58 23.45
C PHE B 176 30.01 12.44 22.70
N ALA B 177 30.81 11.42 22.98
CA ALA B 177 32.09 11.31 22.29
C ALA B 177 31.85 11.20 20.77
N VAL B 178 32.83 11.69 20.03
CA VAL B 178 32.73 11.65 18.58
C VAL B 178 33.93 10.88 18.00
N ILE B 179 33.67 9.94 17.09
CA ILE B 179 34.85 9.25 16.53
C ILE B 179 34.83 9.61 15.07
N ALA B 180 35.85 10.31 14.61
CA ALA B 180 35.91 10.74 13.23
C ALA B 180 36.19 9.65 12.24
N ALA B 181 35.92 9.94 10.98
CA ALA B 181 36.05 8.91 9.95
C ALA B 181 37.26 8.01 9.88
N ARG B 182 37.05 6.74 9.53
CA ARG B 182 38.16 5.80 9.31
C ARG B 182 39.07 5.51 10.49
N SER B 183 38.57 5.71 11.69
CA SER B 183 39.40 5.44 12.86
C SER B 183 39.17 4.03 13.33
N VAL B 184 40.15 3.45 13.99
CA VAL B 184 39.95 2.09 14.55
C VAL B 184 40.31 2.21 16.06
N VAL B 185 39.51 1.55 16.90
CA VAL B 185 39.72 1.55 18.36
C VAL B 185 40.06 0.12 18.80
N LEU B 186 41.19 -0.04 19.46
CA LEU B 186 41.67 -1.33 19.92
C LEU B 186 40.76 -1.85 21.02
N PRO B 187 40.84 -3.15 21.26
CA PRO B 187 39.97 -3.74 22.28
C PRO B 187 40.08 -3.18 23.69
N GLY B 188 38.95 -3.10 24.40
CA GLY B 188 38.95 -2.63 25.80
C GLY B 188 39.19 -1.16 26.10
N ILE B 189 39.27 -0.36 25.05
CA ILE B 189 39.50 1.06 25.21
C ILE B 189 38.22 1.78 25.65
N HIS B 190 38.38 2.79 26.51
CA HIS B 190 37.31 3.66 27.00
C HIS B 190 37.59 5.00 26.38
N ILE B 191 36.60 5.47 25.66
CA ILE B 191 36.72 6.79 25.03
C ILE B 191 35.76 7.56 25.94
N ASN B 192 36.32 8.54 26.64
CA ASN B 192 35.52 9.28 27.63
C ASN B 192 34.55 10.33 27.17
N GLU B 193 33.70 10.87 28.05
CA GLU B 193 32.71 11.87 27.60
C GLU B 193 33.30 13.07 26.85
N ASP B 194 32.57 13.46 25.81
CA ASP B 194 32.91 14.61 24.98
C ASP B 194 34.30 14.52 24.38
N ALA B 195 34.82 13.32 24.19
CA ALA B 195 36.13 13.20 23.59
C ALA B 195 35.97 13.32 22.07
N LEU B 196 37.09 13.52 21.38
CA LEU B 196 37.10 13.61 19.90
C LEU B 196 38.28 12.77 19.37
N VAL B 197 37.95 11.71 18.63
CA VAL B 197 38.97 10.90 17.99
C VAL B 197 39.05 11.43 16.54
N GLY B 198 40.18 12.04 16.18
CA GLY B 198 40.45 12.61 14.87
C GLY B 198 40.43 11.58 13.75
N ALA B 199 40.17 12.06 12.54
CA ALA B 199 40.01 11.17 11.39
C ALA B 199 41.20 10.25 11.19
N GLY B 200 40.92 8.97 10.91
CA GLY B 200 41.91 7.93 10.64
C GLY B 200 42.79 7.41 11.79
N ALA B 201 42.59 7.92 13.01
CA ALA B 201 43.40 7.49 14.16
C ALA B 201 43.34 5.98 14.47
N VAL B 202 44.36 5.50 15.17
CA VAL B 202 44.40 4.11 15.62
C VAL B 202 44.44 4.35 17.10
N VAL B 203 43.35 4.08 17.80
CA VAL B 203 43.29 4.35 19.24
C VAL B 203 43.70 3.18 20.08
N THR B 204 44.88 3.38 20.64
CA THR B 204 45.53 2.37 21.44
C THR B 204 45.46 2.47 22.96
N LYS B 205 44.97 3.58 23.51
CA LYS B 205 44.87 3.73 24.98
C LYS B 205 43.59 4.50 25.18
N ASP B 206 43.02 4.47 26.39
CA ASP B 206 41.79 5.21 26.76
C ASP B 206 41.96 6.67 26.47
N VAL B 207 40.85 7.30 26.15
CA VAL B 207 40.87 8.72 25.80
C VAL B 207 40.14 9.44 26.93
N PRO B 208 40.80 10.40 27.57
CA PRO B 208 40.16 11.10 28.66
C PRO B 208 39.05 12.04 28.20
N LYS B 209 38.19 12.46 29.14
CA LYS B 209 37.04 13.33 28.94
C LYS B 209 37.53 14.55 28.17
N GLU B 210 36.69 15.06 27.26
CA GLU B 210 36.97 16.24 26.46
C GLU B 210 38.38 16.42 25.91
N THR B 211 38.94 15.33 25.43
CA THR B 211 40.26 15.42 24.86
C THR B 211 40.26 15.01 23.40
N VAL B 212 41.14 15.63 22.62
CA VAL B 212 41.30 15.34 21.19
C VAL B 212 42.56 14.47 20.98
N VAL B 213 42.38 13.39 20.25
CA VAL B 213 43.53 12.54 19.95
C VAL B 213 43.47 12.35 18.45
N VAL B 214 44.65 12.23 17.85
CA VAL B 214 44.84 11.99 16.42
C VAL B 214 46.10 11.12 16.20
N GLY B 215 46.23 10.49 15.04
CA GLY B 215 47.40 9.71 14.77
C GLY B 215 47.36 8.20 14.90
N ASN B 216 48.47 7.56 14.57
CA ASN B 216 48.71 6.12 14.63
C ASN B 216 50.15 6.00 15.17
N PRO B 217 50.32 5.74 16.46
CA PRO B 217 49.18 5.54 17.38
C PRO B 217 48.58 6.92 17.76
N ALA B 218 47.31 6.96 18.14
CA ALA B 218 46.66 8.23 18.50
C ALA B 218 47.31 8.84 19.75
N ARG B 219 47.51 10.17 19.70
CA ARG B 219 48.10 10.94 20.80
C ARG B 219 47.16 12.08 21.13
N GLU B 220 47.17 12.45 22.41
CA GLU B 220 46.39 13.55 22.95
C GLU B 220 46.95 14.84 22.38
N ILE B 221 46.08 15.64 21.80
CA ILE B 221 46.68 16.82 21.25
C ILE B 221 46.28 18.09 21.99
N CYS B 222 45.06 18.12 22.52
CA CYS B 222 44.55 19.29 23.24
C CYS B 222 43.15 18.95 23.73
N SER B 223 42.53 19.94 24.36
CA SER B 223 41.20 19.87 24.92
C SER B 223 40.34 20.11 23.70
N ILE B 224 39.18 19.46 23.68
CA ILE B 224 38.23 19.62 22.56
C ILE B 224 37.83 21.11 22.47
N ARG B 225 37.86 21.82 23.62
CA ARG B 225 37.46 23.22 23.69
C ARG B 225 38.35 24.16 22.90
N LYS B 226 39.52 23.67 22.49
CA LYS B 226 40.43 24.49 21.71
C LYS B 226 40.08 24.50 20.23
N ILE B 227 39.18 23.63 19.84
CA ILE B 227 38.74 23.47 18.45
C ILE B 227 37.71 24.54 18.12
N LYS B 228 38.10 25.30 17.10
CA LYS B 228 37.31 26.41 16.57
C LYS B 228 36.60 26.10 15.25
N ASN B 229 35.42 26.65 15.01
CA ASN B 229 34.73 26.35 13.77
C ASN B 229 35.53 26.88 12.59
N LYS B 230 35.83 25.96 11.67
CA LYS B 230 36.63 26.31 10.50
C LYS B 230 36.05 27.39 9.60
N ILE B 231 34.77 27.68 9.75
CA ILE B 231 34.13 28.71 8.92
C ILE B 231 33.84 29.93 9.80
N THR B 232 33.31 29.74 11.00
CA THR B 232 32.99 30.86 11.88
C THR B 232 34.07 31.27 12.89
N GLY B 233 34.95 30.35 13.25
CA GLY B 233 36.00 30.66 14.21
C GLY B 233 35.47 30.52 15.64
N GLU B 234 34.20 30.17 15.78
CA GLU B 234 33.64 30.02 17.11
C GLU B 234 34.05 28.70 17.76
N GLN B 235 33.94 28.59 19.10
CA GLN B 235 34.36 27.38 19.80
C GLN B 235 33.32 26.35 19.43
N VAL B 236 33.73 25.13 19.11
CA VAL B 236 32.75 24.14 18.66
C VAL B 236 32.27 23.26 19.75
N TYR B 237 33.20 22.79 20.57
CA TYR B 237 32.90 21.82 21.62
C TYR B 237 32.79 22.34 23.06
N PRO B 238 31.98 21.75 23.95
CA PRO B 238 31.09 20.59 23.65
C PRO B 238 30.05 20.85 22.55
N TRP B 239 29.96 19.91 21.59
CA TRP B 239 29.06 20.10 20.46
C TRP B 239 27.59 20.27 20.74
N ARG B 240 27.11 19.80 21.90
CA ARG B 240 25.68 19.95 22.22
C ARG B 240 25.26 21.41 22.26
N TYR B 241 26.23 22.29 22.48
CA TYR B 241 25.96 23.71 22.55
C TYR B 241 26.02 24.38 21.17
N THR B 242 26.50 23.67 20.14
CA THR B 242 26.63 24.25 18.80
C THR B 242 25.88 23.52 17.69
N PHE B 243 25.35 22.37 18.05
CA PHE B 243 24.69 21.56 17.06
C PHE B 243 23.43 20.99 17.68
N LYS B 244 22.34 21.06 16.93
CA LYS B 244 21.08 20.53 17.46
C LYS B 244 20.20 19.76 16.45
N ARG B 245 20.55 19.79 15.17
CA ARG B 245 19.72 19.07 14.19
C ARG B 245 19.53 17.61 14.56
N GLY B 246 18.27 17.19 14.68
CA GLY B 246 17.97 15.79 15.05
C GLY B 246 18.17 15.51 16.56
N MET B 247 18.59 16.53 17.33
CA MET B 247 18.79 16.33 18.75
C MET B 247 17.49 16.63 19.53
N PRO B 248 17.40 16.06 20.72
CA PRO B 248 16.19 16.30 21.49
C PRO B 248 16.07 17.79 21.82
N TRP B 249 17.14 18.56 21.85
CA TRP B 249 16.96 19.99 22.18
C TRP B 249 16.78 20.80 20.92
N GLU B 250 16.48 20.12 19.82
CA GLU B 250 16.37 20.88 18.58
C GLU B 250 15.50 22.13 18.63
N GLU B 251 14.39 22.04 19.36
CA GLU B 251 13.51 23.21 19.40
C GLU B 251 13.90 24.34 20.30
N THR B 252 14.86 24.12 21.21
CA THR B 252 15.34 25.16 22.10
C THR B 252 16.85 25.16 21.98
N ASP B 253 17.47 24.71 23.06
CA ASP B 253 18.91 24.62 23.12
C ASP B 253 19.14 23.58 24.22
N TYR B 254 20.38 23.13 24.28
CA TYR B 254 20.73 22.12 25.25
C TYR B 254 20.41 22.46 26.72
N ASP B 255 20.95 23.55 27.26
CA ASP B 255 20.66 23.81 28.67
C ASP B 255 19.18 23.97 29.01
N THR B 256 18.43 24.65 28.15
CA THR B 256 17.00 24.84 28.38
C THR B 256 16.31 23.49 28.31
N TRP B 257 16.74 22.68 27.36
CA TRP B 257 16.11 21.38 27.22
C TRP B 257 16.40 20.46 28.43
N ILE B 258 17.67 20.38 28.76
CA ILE B 258 17.99 19.51 29.87
C ILE B 258 17.16 19.83 31.13
N LYS B 259 17.07 21.12 31.38
CA LYS B 259 16.33 21.61 32.55
C LYS B 259 14.80 21.58 32.56
N1A COA C . -11.83 16.62 -3.98
C2A COA C . -10.90 17.53 -3.65
N3A COA C . -10.43 17.67 -2.40
C4A COA C . -10.92 16.86 -1.45
C5A COA C . -11.92 15.87 -1.76
C6A COA C . -12.37 15.77 -3.08
N6A COA C . -13.32 14.80 -3.40
N7A COA C . -12.21 15.20 -0.61
C8A COA C . -11.49 15.71 0.36
N9A COA C . -10.70 16.72 -0.10
C1B COA C . -9.77 17.55 0.69
C2B COA C . -10.50 18.21 1.92
O2B COA C . -11.13 19.47 1.60
C3B COA C . -9.26 18.44 2.84
O3B COA C . -8.54 19.54 2.25
P3B COA C . -7.98 20.72 3.23
O7A COA C . -8.16 20.30 4.63
O8A COA C . -6.42 21.04 2.93
O9A COA C . -8.83 22.04 2.84
C4B COA C . -8.49 17.10 2.60
O4B COA C . -8.74 16.69 1.23
C5B COA C . -9.00 15.93 3.44
O5B COA C . -10.35 16.22 3.69
P1A COA C . -10.97 14.90 4.29
O1A COA C . -12.30 15.35 4.81
O2A COA C . -10.08 14.28 5.48
O3A COA C . -11.07 13.80 3.15
P2A COA C . -12.48 13.06 3.31
O4A COA C . -12.24 11.83 4.12
O5A COA C . -13.63 14.04 3.91
O6A COA C . -13.07 12.76 1.84
CBP COA C . -13.29 11.09 0.23
CCP COA C . -12.29 11.81 1.14
CDP COA C . -13.96 9.99 1.10
CEP COA C . -12.52 10.45 -0.94
CAP COA C . -14.34 12.12 -0.31
OAP COA C . -13.70 13.11 -1.12
C9P COA C . -15.39 11.44 -1.13
O9P COA C . -15.21 11.22 -2.31
N8P COA C . -16.54 11.04 -0.60
C7P COA C . -17.44 10.36 -1.51
C6P COA C . -18.69 11.20 -1.83
C5P COA C . -19.47 10.34 -2.81
O5P COA C . -19.36 10.53 -4.00
N4P COA C . -20.25 9.36 -2.32
C3P COA C . -21.00 8.50 -3.24
C2P COA C . -22.27 9.14 -3.79
S1P COA C . -23.53 9.16 -2.49
O2B T3F D . -28.50 0.72 -2.79
PB T3F D . -28.00 1.81 -3.85
O1B T3F D . -27.28 1.18 -4.99
O3B T3F D . -26.93 2.86 -3.25
C1Q T3F D . -27.06 3.24 -1.85
O5Q T3F D . -26.00 2.58 -1.17
C5Q T3F D . -24.73 3.00 -1.68
C6Q T3F D . -23.69 2.25 -0.84
C2Q T3F D . -27.05 4.77 -1.64
O2Q T3F D . -28.09 5.29 -2.48
C3Q T3F D . -25.69 5.31 -2.12
N3Q T3F D . -25.59 6.78 -1.86
C4Q T3F D . -24.54 4.51 -1.45
O4Q T3F D . -24.60 4.72 -0.02
O3A T3F D . -29.22 2.78 -4.31
PA T3F D . -30.53 2.17 -5.04
O1A T3F D . -30.63 0.67 -5.17
O2A T3F D . -31.73 2.73 -4.12
O5' T3F D . -30.62 2.99 -6.43
C5' T3F D . -29.65 2.54 -7.37
C4' T3F D . -30.10 3.05 -8.74
O4' T3F D . -31.35 2.39 -9.18
C3' T3F D . -30.42 4.58 -8.69
O3' T3F D . -30.20 5.16 -9.96
C2' T3F D . -31.95 4.60 -8.46
C1' T3F D . -32.43 3.32 -9.26
N1 T3F D . -33.60 2.79 -8.52
C2 T3F D . -34.87 3.18 -8.86
O2 T3F D . -35.06 3.96 -9.80
N3 T3F D . -35.95 2.74 -8.16
C6 T3F D . -33.44 1.90 -7.45
C5 T3F D . -34.50 1.43 -6.73
C5M T3F D . -34.27 0.47 -5.57
C4 T3F D . -35.82 1.89 -7.09
O4 T3F D . -36.85 1.54 -6.49
N1A COA E . 45.49 12.74 11.89
C2A COA E . 46.79 13.08 12.00
N3A COA E . 47.20 14.33 12.11
C4A COA E . 46.29 15.33 12.10
C5A COA E . 44.91 15.01 11.98
C6A COA E . 44.53 13.65 11.88
N6A COA E . 43.16 13.32 11.80
N7A COA E . 44.22 16.21 11.97
C8A COA E . 45.05 17.21 12.07
N9A COA E . 46.33 16.71 12.17
C1B COA E . 47.55 17.50 12.30
C2B COA E . 47.84 18.39 11.07
O2B COA E . 48.49 17.61 10.02
C3B COA E . 48.77 19.43 11.77
O3B COA E . 49.94 18.69 12.18
P3B COA E . 51.25 19.06 11.29
O7A COA E . 51.27 20.55 11.33
O8A COA E . 52.60 18.38 11.89
O9A COA E . 51.05 18.39 9.81
C4B COA E . 48.02 19.67 13.12
O4B COA E . 47.32 18.46 13.36
C5B COA E . 46.84 20.63 13.14
O5B COA E . 46.33 20.62 11.80
P1A COA E . 44.86 21.28 11.79
O1A COA E . 44.41 21.34 10.36
O2A COA E . 44.81 22.73 12.50
O3A COA E . 44.03 20.21 12.70
P2A COA E . 42.41 20.37 12.79
O4A COA E . 42.01 20.90 14.13
O5A COA E . 41.74 21.28 11.64
O6A COA E . 41.85 18.86 12.57
CBP COA E . 40.42 17.29 13.70
CCP COA E . 41.65 18.21 13.83
CDP COA E . 39.19 18.23 13.77
CEP COA E . 40.44 16.25 14.83
CAP COA E . 40.47 16.59 12.31
OAP COA E . 41.57 15.71 12.23
C9P COA E . 39.24 15.76 12.07
O9P COA E . 39.18 14.67 12.58
N8P COA E . 38.26 16.29 11.30
C7P COA E . 36.98 15.61 10.98
C6P COA E . 36.99 14.83 9.65
C5P COA E . 35.81 13.89 9.79
O5P COA E . 35.99 12.71 9.96
N4P COA E . 34.55 14.39 9.77
C3P COA E . 33.37 13.49 9.92
C2P COA E . 33.09 12.75 8.61
S1P COA E . 32.27 13.89 7.45
O2B T3F F . 22.69 14.05 9.10
PB T3F F . 23.78 12.85 8.88
O1B T3F F . 23.75 11.85 9.98
O3B T3F F . 25.29 13.42 8.78
C1Q T3F F . 25.51 14.78 8.35
O5Q T3F F . 25.70 15.66 9.47
C5Q T3F F . 26.82 15.23 10.25
C6Q T3F F . 26.85 16.01 11.56
C2Q T3F F . 26.71 14.81 7.40
O2Q T3F F . 26.46 13.83 6.35
C3Q T3F F . 28.00 14.47 8.18
N3Q T3F F . 29.19 14.59 7.30
C4Q T3F F . 28.14 15.37 9.43
O4Q T3F F . 28.33 16.73 9.01
O3A T3F F . 23.77 12.23 7.36
PA T3F F . 22.44 11.51 6.80
O1A T3F F . 21.27 11.52 7.78
O2A T3F F . 22.14 12.15 5.35
O5' T3F F . 22.87 9.95 6.45
C5' T3F F . 23.31 9.11 7.53
C4' T3F F . 23.43 7.67 7.02
O4' T3F F . 22.08 7.30 6.56
C3' T3F F . 24.34 7.60 5.76
O3' T3F F . 25.02 6.35 5.64
C2' T3F F . 23.34 7.69 4.59
C1' T3F F . 22.03 7.06 5.16
N1 T3F F . 20.88 7.75 4.52
C2 T3F F . 20.41 7.32 3.31
O2 T3F F . 20.97 6.35 2.81
N3 T3F F . 19.39 7.95 2.66
C6 T3F F . 20.30 8.85 5.12
C5 T3F F . 19.28 9.52 4.50
C5M T3F F . 18.72 10.72 5.22
C4 T3F F . 18.80 9.05 3.22
O4 T3F F . 17.89 9.65 2.61
#